data_3RXP
#
_entry.id   3RXP
#
_cell.length_a   54.449
_cell.length_b   58.342
_cell.length_c   66.651
_cell.angle_alpha   90.00
_cell.angle_beta   90.00
_cell.angle_gamma   90.00
#
_symmetry.space_group_name_H-M   'P 21 21 21'
#
loop_
_entity.id
_entity.type
_entity.pdbx_description
1 polymer 'Cationic trypsin'
2 non-polymer 'CALCIUM ION'
3 non-polymer GLYCEROL
4 non-polymer 'DIMETHYL SULFOXIDE'
5 non-polymer 1-(1,5-dimethyl-1H-pyrazol-3-yl)methanamine
6 water water
#
_entity_poly.entity_id   1
_entity_poly.type   'polypeptide(L)'
_entity_poly.pdbx_seq_one_letter_code
;IVGGYTCGANTVPYQVSLNSGYHFCGGSLINSQWVVSAAHCYKSGIQVRLGEDNINVVEGNEQFISASKSIVHPSYNSNT
LNNDIMLIKLKSAASLNSRVASISLPTSCASAGTQCLISGWGNTKSSGTSYPDVLKCLKAPILSDSSCKSAYPGQITSNM
FCAGYLEGGKDSCQGDSGGPVVCSGKLQGIVSWGSGCAQKNKPGVYTKVCNYVSWIKQTIASN
;
_entity_poly.pdbx_strand_id   A
#
loop_
_chem_comp.id
_chem_comp.type
_chem_comp.name
_chem_comp.formula
CA non-polymer 'CALCIUM ION' 'Ca 2'
DMS non-polymer 'DIMETHYL SULFOXIDE' 'C2 H6 O S'
GOL non-polymer GLYCEROL 'C3 H8 O3'
SW3 non-polymer 1-(1,5-dimethyl-1H-pyrazol-3-yl)methanamine 'C6 H11 N3'
#
# COMPACT_ATOMS: atom_id res chain seq x y z
N ILE A 1 -7.40 -7.76 2.76
CA ILE A 1 -7.48 -8.42 1.42
C ILE A 1 -8.62 -9.43 1.44
N VAL A 2 -9.59 -9.25 0.55
CA VAL A 2 -10.70 -10.18 0.38
C VAL A 2 -10.44 -11.09 -0.83
N GLY A 3 -10.60 -12.39 -0.65
CA GLY A 3 -10.45 -13.36 -1.73
C GLY A 3 -9.01 -13.58 -2.17
N GLY A 4 -8.07 -13.32 -1.27
CA GLY A 4 -6.65 -13.50 -1.55
C GLY A 4 -6.13 -14.83 -1.04
N TYR A 5 -4.82 -14.88 -0.84
CA TYR A 5 -4.15 -16.06 -0.31
C TYR A 5 -3.10 -15.65 0.72
N THR A 6 -2.77 -16.59 1.60
CA THR A 6 -1.73 -16.37 2.60
C THR A 6 -0.40 -16.26 1.85
N CYS A 7 0.27 -15.12 1.97
CA CYS A 7 1.49 -14.87 1.19
C CYS A 7 2.56 -15.91 1.49
N GLY A 8 2.73 -16.20 2.78
CA GLY A 8 3.90 -16.93 3.28
C GLY A 8 4.80 -15.95 4.00
N ALA A 9 5.38 -16.39 5.12
CA ALA A 9 6.17 -15.49 5.98
C ALA A 9 7.35 -14.85 5.25
N ASN A 10 7.39 -13.52 5.26
CA ASN A 10 8.49 -12.73 4.73
C ASN A 10 8.72 -12.89 3.22
N THR A 11 7.68 -13.31 2.50
CA THR A 11 7.74 -13.45 1.04
C THR A 11 7.50 -12.12 0.32
N VAL A 12 7.06 -11.11 1.07
CA VAL A 12 6.85 -9.76 0.55
C VAL A 12 7.70 -8.83 1.43
N PRO A 13 9.02 -8.80 1.17
CA PRO A 13 9.96 -8.23 2.15
C PRO A 13 9.94 -6.70 2.26
N TYR A 14 9.28 -6.03 1.33
CA TYR A 14 9.10 -4.58 1.35
C TYR A 14 7.83 -4.14 2.09
N GLN A 15 6.96 -5.10 2.42
CA GLN A 15 5.72 -4.79 3.12
C GLN A 15 6.00 -4.43 4.57
N VAL A 16 5.53 -3.27 4.99
CA VAL A 16 5.63 -2.87 6.39
C VAL A 16 4.24 -2.72 7.00
N SER A 17 4.19 -2.81 8.32
CA SER A 17 3.02 -2.48 9.12
C SER A 17 3.32 -1.22 9.91
N LEU A 18 2.42 -0.24 9.81
CA LEU A 18 2.51 0.97 10.63
C LEU A 18 1.71 0.72 11.90
N ASN A 19 2.35 0.95 13.04
CA ASN A 19 1.78 0.60 14.33
C ASN A 19 1.79 1.80 15.26
N SER A 20 0.62 2.08 15.85
CA SER A 20 0.49 3.13 16.87
C SER A 20 -0.17 2.54 18.12
N GLY A 21 0.32 1.38 18.56
CA GLY A 21 -0.32 0.58 19.60
C GLY A 21 -1.05 -0.62 19.01
N TYR A 22 -1.17 -0.60 17.69
CA TYR A 22 -1.93 -1.59 16.93
C TYR A 22 -1.61 -1.30 15.46
N HIS A 23 -1.72 -2.32 14.61
CA HIS A 23 -1.61 -2.11 13.16
C HIS A 23 -2.75 -1.21 12.70
N PHE A 24 -2.44 -0.16 11.92
CA PHE A 24 -3.47 0.69 11.34
C PHE A 24 -3.33 0.94 9.83
N CYS A 25 -2.18 0.59 9.26
CA CYS A 25 -1.96 0.80 7.83
C CYS A 25 -0.76 0.00 7.36
N GLY A 26 -0.73 -0.23 6.05
CA GLY A 26 0.45 -0.78 5.39
C GLY A 26 1.36 0.32 4.88
N GLY A 27 2.48 -0.10 4.31
CA GLY A 27 3.46 0.80 3.74
C GLY A 27 4.45 -0.02 2.95
N SER A 28 5.32 0.66 2.20
CA SER A 28 6.34 0.00 1.39
C SER A 28 7.70 0.60 1.68
N LEU A 29 8.67 -0.25 1.99
CA LEU A 29 10.04 0.19 2.22
C LEU A 29 10.69 0.46 0.87
N ILE A 30 11.18 1.69 0.66
CA ILE A 30 11.79 2.07 -0.62
C ILE A 30 13.30 2.32 -0.53
N ASN A 31 13.81 2.51 0.68
CA ASN A 31 15.24 2.36 0.96
C ASN A 31 15.43 2.10 2.46
N SER A 32 16.67 2.02 2.93
CA SER A 32 16.92 1.68 4.33
C SER A 32 16.28 2.64 5.35
N GLN A 33 16.01 3.89 4.95
CA GLN A 33 15.51 4.93 5.88
C GLN A 33 14.08 5.42 5.61
N TRP A 34 13.46 4.98 4.52
CA TRP A 34 12.21 5.60 4.07
C TRP A 34 11.12 4.60 3.67
N VAL A 35 9.90 4.93 4.08
CA VAL A 35 8.71 4.16 3.77
C VAL A 35 7.71 5.06 3.03
N VAL A 36 7.07 4.52 1.99
CA VAL A 36 5.96 5.21 1.33
C VAL A 36 4.63 4.58 1.74
N SER A 37 3.66 5.42 2.04
CA SER A 37 2.33 4.97 2.44
C SER A 37 1.29 5.94 1.88
N ALA A 38 0.04 5.80 2.32
CA ALA A 38 -1.03 6.69 1.91
C ALA A 38 -1.07 7.90 2.83
N ALA A 39 -1.36 9.08 2.30
CA ALA A 39 -1.56 10.28 3.10
C ALA A 39 -2.70 10.11 4.12
N HIS A 40 -3.73 9.35 3.76
CA HIS A 40 -4.85 9.12 4.69
C HIS A 40 -4.44 8.22 5.88
N CYS A 41 -3.23 7.67 5.83
CA CYS A 41 -2.63 6.98 6.98
C CYS A 41 -1.86 7.90 7.94
N TYR A 42 -1.80 9.19 7.65
CA TYR A 42 -1.07 10.10 8.52
C TYR A 42 -1.63 10.10 9.95
N LYS A 43 -0.72 10.01 10.90
CA LYS A 43 -0.99 10.29 12.31
C LYS A 43 0.36 10.46 13.01
N SER A 44 0.34 10.95 14.24
CA SER A 44 1.57 11.02 15.03
C SER A 44 1.81 9.69 15.74
N GLY A 45 3.03 9.49 16.23
CA GLY A 45 3.37 8.33 17.04
C GLY A 45 3.42 7.02 16.27
N ILE A 46 4.01 7.06 15.09
CA ILE A 46 4.09 5.89 14.22
C ILE A 46 5.36 5.10 14.49
N GLN A 47 5.20 3.79 14.69
CA GLN A 47 6.31 2.87 14.70
C GLN A 47 6.20 2.02 13.46
N VAL A 48 7.30 1.96 12.69
CA VAL A 48 7.35 1.14 11.49
C VAL A 48 7.81 -0.26 11.87
N ARG A 49 7.05 -1.27 11.46
CA ARG A 49 7.36 -2.66 11.75
C ARG A 49 7.67 -3.39 10.46
N LEU A 50 8.94 -3.76 10.31
CA LEU A 50 9.45 -4.45 9.13
C LEU A 50 9.63 -5.92 9.47
N GLY A 51 9.72 -6.76 8.44
CA GLY A 51 9.96 -8.19 8.63
C GLY A 51 8.81 -8.93 9.27
N GLU A 52 7.60 -8.40 9.16
CA GLU A 52 6.42 -8.98 9.79
C GLU A 52 5.76 -10.06 8.95
N ASP A 53 5.34 -11.14 9.60
CA ASP A 53 4.27 -11.96 9.06
C ASP A 53 3.07 -11.90 10.01
N ASN A 54 3.06 -12.68 11.07
CA ASN A 54 2.02 -12.56 12.09
C ASN A 54 2.27 -11.29 12.90
N ILE A 55 1.39 -10.30 12.77
CA ILE A 55 1.60 -9.01 13.45
C ILE A 55 1.29 -9.06 14.95
N ASN A 56 0.71 -10.17 15.42
CA ASN A 56 0.44 -10.36 16.85
C ASN A 56 1.49 -11.19 17.60
N VAL A 57 2.48 -11.72 16.87
CA VAL A 57 3.48 -12.60 17.46
C VAL A 57 4.87 -12.19 17.00
N VAL A 58 5.82 -12.10 17.93
CA VAL A 58 7.21 -11.84 17.57
C VAL A 58 7.81 -13.16 17.10
N GLU A 59 8.08 -13.26 15.79
CA GLU A 59 8.50 -14.52 15.17
C GLU A 59 10.00 -14.60 14.86
N GLY A 60 10.71 -13.47 14.95
CA GLY A 60 12.18 -13.48 14.91
C GLY A 60 12.86 -12.71 13.80
N ASN A 61 12.10 -12.23 12.82
CA ASN A 61 12.68 -11.47 11.71
C ASN A 61 12.27 -10.00 11.68
N GLU A 62 11.58 -9.55 12.73
CA GLU A 62 11.07 -8.18 12.79
C GLU A 62 12.16 -7.17 13.08
N GLN A 63 11.95 -5.95 12.59
CA GLN A 63 12.67 -4.77 13.05
C GLN A 63 11.60 -3.71 13.35
N PHE A 64 11.63 -3.20 14.58
CA PHE A 64 10.69 -2.16 15.01
C PHE A 64 11.47 -0.86 15.11
N ILE A 65 11.07 0.13 14.29
CA ILE A 65 11.80 1.39 14.21
C ILE A 65 10.82 2.55 14.20
N SER A 66 10.97 3.47 15.14
CA SER A 66 10.08 4.63 15.23
C SER A 66 10.32 5.60 14.08
N ALA A 67 9.25 6.26 13.65
CA ALA A 67 9.36 7.30 12.62
C ALA A 67 9.92 8.57 13.24
N SER A 68 10.86 9.21 12.55
CA SER A 68 11.41 10.50 12.98
C SER A 68 10.65 11.66 12.35
N LYS A 69 10.09 11.43 11.18
CA LYS A 69 9.27 12.44 10.51
C LYS A 69 8.35 11.81 9.47
N SER A 70 7.23 12.48 9.22
CA SER A 70 6.31 12.09 8.15
C SER A 70 6.11 13.30 7.25
N ILE A 71 6.02 13.06 5.95
CA ILE A 71 5.79 14.11 4.97
C ILE A 71 4.62 13.73 4.07
N VAL A 72 3.46 14.33 4.35
CA VAL A 72 2.27 14.18 3.52
C VAL A 72 2.47 15.02 2.26
N HIS A 73 2.02 14.50 1.12
CA HIS A 73 2.18 15.22 -0.14
C HIS A 73 1.57 16.63 -0.02
N PRO A 74 2.26 17.65 -0.54
CA PRO A 74 1.78 19.03 -0.39
C PRO A 74 0.37 19.27 -0.95
N SER A 75 -0.02 18.48 -1.95
CA SER A 75 -1.30 18.67 -2.65
C SER A 75 -2.36 17.64 -2.26
N TYR A 76 -2.11 16.88 -1.20
CA TYR A 76 -3.09 15.91 -0.73
C TYR A 76 -4.39 16.61 -0.34
N ASN A 77 -5.50 16.13 -0.91
CA ASN A 77 -6.83 16.58 -0.52
C ASN A 77 -7.55 15.40 0.10
N SER A 78 -7.87 15.51 1.40
CA SER A 78 -8.46 14.38 2.13
C SER A 78 -9.93 14.11 1.79
N ASN A 79 -10.61 15.07 1.15
CA ASN A 79 -11.98 14.87 0.71
C ASN A 79 -12.06 14.01 -0.55
N THR A 80 -11.25 14.36 -1.56
CA THR A 80 -11.23 13.65 -2.83
C THR A 80 -10.21 12.51 -2.86
N LEU A 81 -9.29 12.53 -1.88
CA LEU A 81 -8.13 11.63 -1.82
C LEU A 81 -7.17 11.77 -3.01
N ASN A 82 -7.23 12.89 -3.72
CA ASN A 82 -6.25 13.19 -4.76
C ASN A 82 -4.89 13.38 -4.11
N ASN A 83 -3.85 12.79 -4.70
CA ASN A 83 -2.48 12.83 -4.17
C ASN A 83 -2.37 12.12 -2.81
N ASP A 84 -2.95 10.92 -2.73
CA ASP A 84 -2.95 10.14 -1.49
C ASP A 84 -1.63 9.39 -1.32
N ILE A 85 -0.62 10.14 -0.92
CA ILE A 85 0.72 9.61 -0.74
C ILE A 85 1.46 10.37 0.37
N MET A 86 2.26 9.63 1.14
CA MET A 86 3.03 10.18 2.26
C MET A 86 4.34 9.41 2.39
N LEU A 87 5.39 10.13 2.79
CA LEU A 87 6.69 9.52 3.10
C LEU A 87 6.91 9.50 4.60
N ILE A 88 7.51 8.42 5.09
CA ILE A 88 7.84 8.28 6.51
C ILE A 88 9.33 7.96 6.63
N LYS A 89 10.06 8.76 7.38
CA LYS A 89 11.47 8.49 7.61
C LYS A 89 11.65 7.75 8.93
N LEU A 90 12.50 6.72 8.91
CA LEU A 90 12.83 5.93 10.08
C LEU A 90 13.91 6.62 10.91
N LYS A 91 13.80 6.52 12.23
CA LYS A 91 14.78 7.11 13.16
C LYS A 91 16.17 6.51 12.98
N SER A 92 16.21 5.23 12.60
CA SER A 92 17.47 4.57 12.27
C SER A 92 17.25 3.72 11.01
N ALA A 93 18.31 3.52 10.25
CA ALA A 93 18.23 2.75 9.02
C ALA A 93 17.95 1.27 9.33
N ALA A 94 17.01 0.69 8.58
CA ALA A 94 16.74 -0.74 8.70
C ALA A 94 17.94 -1.54 8.21
N SER A 95 18.13 -2.72 8.80
CA SER A 95 19.16 -3.64 8.33
C SER A 95 18.54 -4.46 7.21
N LEU A 96 18.99 -4.21 5.98
CA LEU A 96 18.41 -4.88 4.83
C LEU A 96 18.93 -6.30 4.69
N ASN A 97 18.02 -7.21 4.34
CA ASN A 97 18.34 -8.62 4.15
C ASN A 97 17.29 -9.26 3.24
N SER A 98 17.31 -10.58 3.09
CA SER A 98 16.35 -11.26 2.21
C SER A 98 14.89 -11.10 2.64
N ARG A 99 14.66 -10.82 3.92
CA ARG A 99 13.31 -10.70 4.48
C ARG A 99 12.88 -9.26 4.76
N VAL A 100 13.83 -8.34 4.75
CA VAL A 100 13.54 -6.91 4.87
C VAL A 100 14.29 -6.21 3.75
N ALA A 101 13.57 -5.84 2.70
CA ALA A 101 14.16 -5.37 1.46
C ALA A 101 13.34 -4.24 0.87
N SER A 102 14.01 -3.31 0.22
CA SER A 102 13.33 -2.20 -0.46
C SER A 102 12.69 -2.67 -1.76
N ILE A 103 11.65 -1.95 -2.19
CA ILE A 103 11.03 -2.15 -3.51
C ILE A 103 11.40 -0.96 -4.40
N SER A 104 11.74 -1.25 -5.65
CA SER A 104 12.12 -0.23 -6.62
C SER A 104 10.95 0.69 -7.01
N LEU A 105 11.24 1.96 -7.20
CA LEU A 105 10.26 2.90 -7.74
C LEU A 105 10.15 2.68 -9.24
N PRO A 106 8.99 3.00 -9.82
CA PRO A 106 8.84 2.83 -11.26
C PRO A 106 9.63 3.88 -12.04
N THR A 107 10.10 3.51 -13.22
CA THR A 107 10.70 4.46 -14.16
C THR A 107 9.68 4.89 -15.21
N SER A 108 8.65 4.06 -15.40
CA SER A 108 7.50 4.44 -16.22
C SER A 108 6.21 3.90 -15.59
N CYS A 109 5.10 4.48 -16.00
CA CYS A 109 3.78 4.06 -15.50
C CYS A 109 3.42 2.70 -16.10
N ALA A 110 2.63 1.93 -15.35
CA ALA A 110 2.18 0.61 -15.78
C ALA A 110 0.83 0.69 -16.48
N SER A 111 0.64 -0.17 -17.47
CA SER A 111 -0.55 -0.10 -18.32
C SER A 111 -1.70 -0.93 -17.78
N ALA A 112 -2.90 -0.63 -18.26
CA ALA A 112 -4.06 -1.49 -18.02
C ALA A 112 -3.72 -2.91 -18.49
N GLY A 113 -4.10 -3.90 -17.69
CA GLY A 113 -3.77 -5.29 -17.99
C GLY A 113 -2.51 -5.81 -17.33
N THR A 114 -1.64 -4.91 -16.87
CA THR A 114 -0.45 -5.32 -16.13
C THR A 114 -0.87 -6.08 -14.88
N GLN A 115 -0.24 -7.23 -14.64
CA GLN A 115 -0.50 -8.04 -13.47
C GLN A 115 0.33 -7.53 -12.30
N CYS A 116 -0.30 -7.42 -11.14
CA CYS A 116 0.35 -6.87 -9.95
C CYS A 116 0.05 -7.71 -8.72
N LEU A 117 0.80 -7.45 -7.66
CA LEU A 117 0.61 -8.11 -6.37
C LEU A 117 0.24 -7.06 -5.34
N ILE A 118 -0.92 -7.25 -4.71
CA ILE A 118 -1.42 -6.36 -3.67
C ILE A 118 -1.39 -7.15 -2.36
N SER A 119 -0.96 -6.51 -1.28
CA SER A 119 -0.80 -7.23 -0.02
C SER A 119 -1.17 -6.38 1.19
N GLY A 120 -1.53 -7.05 2.29
CA GLY A 120 -1.85 -6.36 3.53
C GLY A 120 -2.52 -7.23 4.59
N TRP A 121 -2.72 -6.62 5.75
CA TRP A 121 -3.33 -7.25 6.91
C TRP A 121 -4.77 -6.78 7.13
N GLY A 122 -5.39 -6.26 6.07
CA GLY A 122 -6.74 -5.74 6.16
C GLY A 122 -7.82 -6.80 6.26
N ASN A 123 -9.05 -6.34 6.44
CA ASN A 123 -10.23 -7.21 6.52
C ASN A 123 -10.28 -8.21 5.36
N THR A 124 -10.63 -9.45 5.66
CA THR A 124 -10.73 -10.49 4.63
C THR A 124 -12.17 -10.81 4.23
N LYS A 125 -13.14 -10.09 4.82
CA LYS A 125 -14.56 -10.30 4.53
C LYS A 125 -15.15 -9.13 3.74
N SER A 126 -16.05 -9.43 2.81
CA SER A 126 -16.73 -8.40 2.01
C SER A 126 -18.05 -7.95 2.64
N SER A 127 -18.61 -8.77 3.54
CA SER A 127 -19.85 -8.43 4.22
C SER A 127 -19.59 -8.13 5.69
N GLY A 128 -19.00 -9.10 6.38
CA GLY A 128 -18.70 -8.97 7.81
C GLY A 128 -17.32 -8.42 8.08
N THR A 129 -16.71 -8.86 9.17
CA THR A 129 -15.41 -8.37 9.59
C THR A 129 -14.55 -9.47 10.21
N SER A 130 -13.39 -9.70 9.61
CA SER A 130 -12.39 -10.62 10.16
C SER A 130 -11.02 -10.15 9.73
N TYR A 131 -10.15 -9.90 10.71
CA TYR A 131 -8.79 -9.44 10.44
C TYR A 131 -7.80 -10.57 10.64
N PRO A 132 -6.96 -10.84 9.61
CA PRO A 132 -5.98 -11.88 9.70
C PRO A 132 -4.78 -11.41 10.51
N ASP A 133 -4.03 -12.33 11.07
CA ASP A 133 -2.80 -11.98 11.76
C ASP A 133 -1.63 -12.03 10.79
N VAL A 134 -1.69 -12.94 9.82
CA VAL A 134 -0.61 -13.11 8.85
C VAL A 134 -0.90 -12.33 7.56
N LEU A 135 0.15 -12.04 6.80
CA LEU A 135 0.02 -11.20 5.61
C LEU A 135 -0.74 -11.93 4.50
N LYS A 136 -1.69 -11.22 3.88
CA LYS A 136 -2.47 -11.76 2.78
C LYS A 136 -2.07 -11.09 1.47
N CYS A 137 -2.23 -11.83 0.38
CA CYS A 137 -1.77 -11.43 -0.94
C CYS A 137 -2.90 -11.60 -1.96
N LEU A 138 -2.88 -10.76 -2.98
CA LEU A 138 -3.83 -10.84 -4.08
C LEU A 138 -3.15 -10.48 -5.39
N LYS A 139 -3.23 -11.38 -6.37
CA LYS A 139 -2.80 -11.06 -7.72
C LYS A 139 -3.97 -10.42 -8.45
N ALA A 140 -3.72 -9.24 -9.02
CA ALA A 140 -4.78 -8.45 -9.63
C ALA A 140 -4.25 -7.63 -10.79
N PRO A 141 -5.04 -7.51 -11.87
CA PRO A 141 -4.62 -6.66 -12.98
C PRO A 141 -5.06 -5.21 -12.81
N ILE A 142 -4.28 -4.31 -13.38
CA ILE A 142 -4.66 -2.91 -13.50
C ILE A 142 -5.79 -2.82 -14.52
N LEU A 143 -6.82 -2.04 -14.20
CA LEU A 143 -7.97 -1.86 -15.08
C LEU A 143 -7.80 -0.59 -15.92
N SER A 144 -8.48 -0.56 -17.06
CA SER A 144 -8.39 0.60 -17.94
C SER A 144 -8.92 1.85 -17.25
N ASP A 145 -8.37 3.00 -17.62
CA ASP A 145 -8.83 4.28 -17.11
C ASP A 145 -10.33 4.47 -17.37
N SER A 146 -10.78 4.09 -18.56
CA SER A 146 -12.19 4.22 -18.91
C SER A 146 -13.10 3.37 -18.02
N SER A 147 -12.72 2.13 -17.74
CA SER A 147 -13.52 1.28 -16.86
C SER A 147 -13.50 1.78 -15.41
N CYS A 148 -12.35 2.32 -15.00
CA CYS A 148 -12.20 2.86 -13.66
C CYS A 148 -13.12 4.07 -13.49
N LYS A 149 -13.08 4.99 -14.44
CA LYS A 149 -13.95 6.17 -14.42
C LYS A 149 -15.43 5.82 -14.52
N SER A 150 -15.78 4.80 -15.31
CA SER A 150 -17.16 4.34 -15.41
C SER A 150 -17.64 3.73 -14.10
N ALA A 151 -16.76 3.05 -13.38
CA ALA A 151 -17.09 2.46 -12.07
C ALA A 151 -17.33 3.53 -11.02
N TYR A 152 -16.58 4.63 -11.09
CA TYR A 152 -16.65 5.70 -10.10
C TYR A 152 -16.79 7.06 -10.77
N PRO A 153 -17.99 7.35 -11.30
CA PRO A 153 -18.21 8.64 -11.98
C PRO A 153 -17.78 9.83 -11.14
N GLY A 154 -17.02 10.74 -11.75
CA GLY A 154 -16.64 12.00 -11.12
C GLY A 154 -15.57 11.95 -10.05
N GLN A 155 -14.94 10.79 -9.86
CA GLN A 155 -14.04 10.57 -8.71
C GLN A 155 -12.60 10.15 -9.04
N ILE A 156 -12.35 9.69 -10.26
CA ILE A 156 -11.02 9.20 -10.63
C ILE A 156 -10.20 10.33 -11.26
N THR A 157 -9.12 10.71 -10.60
CA THR A 157 -8.21 11.72 -11.12
C THR A 157 -7.06 11.06 -11.86
N SER A 158 -6.19 11.89 -12.41
CA SER A 158 -5.01 11.41 -13.13
C SER A 158 -3.94 10.79 -12.21
N ASN A 159 -4.17 10.87 -10.90
CA ASN A 159 -3.27 10.32 -9.90
C ASN A 159 -3.80 9.04 -9.27
N MET A 160 -4.79 8.43 -9.93
CA MET A 160 -5.44 7.22 -9.44
C MET A 160 -5.57 6.19 -10.55
N PHE A 161 -5.53 4.92 -10.18
CA PHE A 161 -5.93 3.85 -11.08
C PHE A 161 -6.69 2.77 -10.32
N CYS A 162 -7.50 2.03 -11.06
CA CYS A 162 -8.24 0.91 -10.51
C CYS A 162 -7.47 -0.37 -10.77
N ALA A 163 -7.54 -1.30 -9.83
CA ALA A 163 -7.03 -2.64 -10.06
C ALA A 163 -7.95 -3.62 -9.37
N GLY A 164 -8.04 -4.82 -9.92
CA GLY A 164 -8.89 -5.86 -9.37
C GLY A 164 -9.82 -6.46 -10.41
N TYR A 165 -11.07 -6.67 -10.00
CA TYR A 165 -12.00 -7.50 -10.75
C TYR A 165 -13.39 -6.89 -10.70
N LEU A 166 -13.93 -6.52 -11.86
CA LEU A 166 -15.25 -5.89 -11.92
C LEU A 166 -16.37 -6.84 -11.47
N GLU A 167 -16.12 -8.14 -11.56
CA GLU A 167 -17.06 -9.15 -11.06
C GLU A 167 -17.14 -9.21 -9.53
N GLY A 168 -16.19 -8.59 -8.83
CA GLY A 168 -16.15 -8.63 -7.37
C GLY A 168 -15.47 -9.88 -6.87
N GLY A 169 -15.48 -10.06 -5.55
CA GLY A 169 -14.93 -11.27 -4.92
C GLY A 169 -13.49 -11.17 -4.46
N LYS A 170 -12.71 -10.32 -5.12
CA LYS A 170 -11.27 -10.19 -4.84
C LYS A 170 -10.87 -8.72 -4.85
N ASP A 171 -10.33 -8.23 -3.73
CA ASP A 171 -10.12 -6.80 -3.56
C ASP A 171 -9.27 -6.52 -2.32
N SER A 172 -8.75 -5.30 -2.22
CA SER A 172 -8.18 -4.81 -0.96
C SER A 172 -9.35 -4.36 -0.07
N CYS A 173 -9.05 -4.07 1.19
CA CYS A 173 -10.11 -3.69 2.13
C CYS A 173 -9.54 -2.91 3.31
N GLN A 174 -10.42 -2.53 4.24
CA GLN A 174 -10.02 -1.77 5.42
C GLN A 174 -8.82 -2.39 6.12
N GLY A 175 -7.80 -1.57 6.37
CA GLY A 175 -6.58 -2.04 7.02
C GLY A 175 -5.44 -2.32 6.04
N ASP A 176 -5.79 -2.46 4.76
CA ASP A 176 -4.77 -2.59 3.70
C ASP A 176 -4.24 -1.23 3.27
N SER A 177 -4.95 -0.17 3.65
CA SER A 177 -4.58 1.23 3.40
C SER A 177 -3.08 1.48 3.47
N GLY A 178 -2.55 2.12 2.44
CA GLY A 178 -1.16 2.54 2.42
C GLY A 178 -0.20 1.50 1.92
N GLY A 179 -0.69 0.27 1.73
CA GLY A 179 0.15 -0.84 1.33
C GLY A 179 0.48 -0.85 -0.14
N PRO A 180 1.32 -1.80 -0.56
CA PRO A 180 1.86 -1.87 -1.92
C PRO A 180 0.99 -2.49 -2.99
N VAL A 181 1.09 -1.95 -4.19
CA VAL A 181 0.69 -2.62 -5.42
C VAL A 181 1.97 -2.72 -6.25
N VAL A 182 2.51 -3.92 -6.39
CA VAL A 182 3.80 -4.11 -7.06
C VAL A 182 3.60 -4.88 -8.36
N CYS A 183 4.18 -4.36 -9.44
CA CYS A 183 4.02 -4.95 -10.77
C CYS A 183 5.40 -5.04 -11.40
N SER A 184 5.80 -6.24 -11.82
CA SER A 184 7.12 -6.48 -12.41
C SER A 184 8.26 -5.89 -11.56
N GLY A 185 8.15 -6.07 -10.24
CA GLY A 185 9.17 -5.62 -9.31
C GLY A 185 9.24 -4.12 -9.08
N LYS A 186 8.20 -3.38 -9.45
CA LYS A 186 8.13 -1.94 -9.23
C LYS A 186 6.89 -1.58 -8.43
N LEU A 187 7.03 -0.61 -7.53
CA LEU A 187 5.90 -0.11 -6.76
C LEU A 187 5.07 0.86 -7.61
N GLN A 188 3.98 0.36 -8.19
CA GLN A 188 3.14 1.19 -9.07
C GLN A 188 1.96 1.80 -8.33
N GLY A 189 1.55 1.21 -7.21
CA GLY A 189 0.36 1.70 -6.50
C GLY A 189 0.45 1.66 -4.99
N ILE A 190 -0.42 2.45 -4.37
CA ILE A 190 -0.61 2.48 -2.93
C ILE A 190 -2.10 2.28 -2.69
N VAL A 191 -2.45 1.37 -1.78
CA VAL A 191 -3.86 1.12 -1.42
C VAL A 191 -4.49 2.41 -0.89
N SER A 192 -5.49 2.92 -1.60
CA SER A 192 -6.02 4.26 -1.32
C SER A 192 -7.49 4.24 -0.91
N TRP A 193 -8.38 3.82 -1.79
CA TRP A 193 -9.81 3.85 -1.46
C TRP A 193 -10.68 2.93 -2.31
N GLY A 194 -11.95 2.84 -1.93
CA GLY A 194 -12.94 2.10 -2.70
C GLY A 194 -14.32 2.36 -2.14
N SER A 195 -15.28 1.54 -2.56
CA SER A 195 -16.63 1.60 -2.00
C SER A 195 -16.98 0.20 -1.53
N GLY A 196 -16.90 -0.02 -0.22
CA GLY A 196 -16.95 -1.37 0.33
C GLY A 196 -15.75 -2.15 -0.18
N CYS A 197 -15.84 -3.48 -0.11
CA CYS A 197 -14.76 -4.34 -0.60
C CYS A 197 -15.31 -5.50 -1.40
N ALA A 198 -14.67 -5.77 -2.54
CA ALA A 198 -14.98 -6.92 -3.37
C ALA A 198 -16.39 -6.91 -3.94
N GLN A 199 -17.01 -5.73 -3.99
CA GLN A 199 -18.35 -5.60 -4.54
C GLN A 199 -18.28 -5.50 -6.06
N LYS A 200 -19.32 -5.98 -6.72
CA LYS A 200 -19.41 -5.92 -8.17
C LYS A 200 -19.29 -4.47 -8.67
N ASN A 201 -18.46 -4.28 -9.69
CA ASN A 201 -18.23 -2.98 -10.34
C ASN A 201 -17.67 -1.88 -9.42
N LYS A 202 -17.07 -2.29 -8.31
CA LYS A 202 -16.44 -1.36 -7.38
C LYS A 202 -15.04 -1.86 -7.01
N PRO A 203 -14.11 -1.81 -7.97
CA PRO A 203 -12.76 -2.29 -7.72
C PRO A 203 -11.98 -1.33 -6.83
N GLY A 204 -10.86 -1.78 -6.28
CA GLY A 204 -10.01 -0.93 -5.49
C GLY A 204 -9.42 0.20 -6.30
N VAL A 205 -9.21 1.34 -5.64
CA VAL A 205 -8.58 2.50 -6.24
C VAL A 205 -7.23 2.74 -5.55
N TYR A 206 -6.23 3.07 -6.35
CA TYR A 206 -4.83 3.08 -5.93
C TYR A 206 -4.14 4.36 -6.37
N THR A 207 -3.25 4.87 -5.53
CA THR A 207 -2.47 6.05 -5.86
C THR A 207 -1.46 5.68 -6.94
N LYS A 208 -1.39 6.51 -7.99
CA LYS A 208 -0.54 6.24 -9.15
C LYS A 208 0.89 6.71 -8.89
N VAL A 209 1.71 5.80 -8.35
CA VAL A 209 3.03 6.14 -7.82
C VAL A 209 3.99 6.74 -8.85
N CYS A 210 3.90 6.28 -10.10
CA CYS A 210 4.78 6.81 -11.16
C CYS A 210 4.69 8.33 -11.31
N ASN A 211 3.56 8.92 -10.93
CA ASN A 211 3.41 10.39 -10.95
C ASN A 211 4.21 11.12 -9.89
N TYR A 212 4.72 10.38 -8.90
CA TYR A 212 5.32 10.97 -7.72
C TYR A 212 6.80 10.66 -7.53
N VAL A 213 7.42 10.02 -8.52
CA VAL A 213 8.80 9.57 -8.38
C VAL A 213 9.76 10.74 -8.19
N SER A 214 9.55 11.82 -8.93
CA SER A 214 10.38 13.02 -8.79
C SER A 214 10.25 13.63 -7.40
N TRP A 215 9.01 13.74 -6.92
CA TRP A 215 8.77 14.28 -5.58
C TRP A 215 9.40 13.39 -4.51
N ILE A 216 9.26 12.07 -4.67
CA ILE A 216 9.83 11.12 -3.71
C ILE A 216 11.35 11.27 -3.65
N LYS A 217 11.98 11.26 -4.82
CA LYS A 217 13.44 11.34 -4.91
C LYS A 217 13.99 12.65 -4.34
N GLN A 218 13.36 13.76 -4.71
CA GLN A 218 13.82 15.07 -4.25
C GLN A 218 13.59 15.24 -2.75
N THR A 219 12.47 14.73 -2.26
CA THR A 219 12.16 14.81 -0.83
C THR A 219 13.17 14.02 -0.02
N ILE A 220 13.46 12.79 -0.44
CA ILE A 220 14.46 11.95 0.22
C ILE A 220 15.84 12.64 0.20
N ALA A 221 16.17 13.26 -0.92
CA ALA A 221 17.49 13.88 -1.09
C ALA A 221 17.74 15.07 -0.15
N SER A 222 16.68 15.67 0.40
CA SER A 222 16.81 16.86 1.25
C SER A 222 16.26 16.70 2.66
N ASN A 223 15.91 15.49 3.05
CA ASN A 223 15.31 15.23 4.35
C ASN A 223 15.92 14.02 5.04
CA CA B . 5.44 -10.53 14.12
C1 GOL C . -18.19 12.55 -3.06
O1 GOL C . -16.99 12.56 -3.85
C2 GOL C . -18.24 11.33 -2.16
O2 GOL C . -18.22 10.13 -2.95
C3 GOL C . -17.08 11.28 -1.18
O3 GOL C . -16.27 12.45 -1.25
C1 GOL D . -3.03 -7.06 15.60
O1 GOL D . -4.28 -6.77 14.95
C2 GOL D . -2.08 -5.86 15.53
O2 GOL D . -2.71 -4.71 16.10
C3 GOL D . -0.77 -6.19 16.26
O3 GOL D . -0.93 -6.27 17.70
S DMS E . 3.62 -8.51 18.72
O DMS E . 4.88 -7.55 17.91
C1 DMS E . 4.09 -8.71 20.46
C2 DMS E . 2.15 -7.48 18.93
S DMS F . -9.34 19.15 2.06
O DMS F . -10.16 20.69 1.60
C1 DMS F . -7.58 19.43 1.82
C2 DMS F . -9.39 18.98 3.86
S DMS G . -15.66 11.59 -15.29
O DMS G . -16.91 10.59 -14.47
C1 DMS G . -15.44 13.14 -14.40
C2 DMS G . -14.02 10.84 -15.07
C1 SW3 H . -8.04 0.57 2.10
N1 SW3 H . -11.79 -2.06 -1.61
C2 SW3 H . -9.27 0.32 1.28
N2 SW3 H . -11.29 0.13 0.36
C3 SW3 H . -9.12 -0.32 0.06
N3 SW3 H . -10.55 0.59 1.46
C4 SW3 H . -10.40 -0.43 -0.49
C5 SW3 H . -10.76 -1.06 -1.82
C6 SW3 H . -11.31 1.27 2.54
#